data_6AY2
#
_entry.id   6AY2
#
_cell.length_a   31.317
_cell.length_b   127.243
_cell.length_c   70.034
_cell.angle_alpha   90.000
_cell.angle_beta   102.900
_cell.angle_gamma   90.000
#
_symmetry.space_group_name_H-M   'P 1 21 1'
#
loop_
_entity.id
_entity.type
_entity.pdbx_description
1 polymer 'Cathepsin B'
2 non-polymer "N~1~-[(2S)-1-amino-5-(carbamoylamino)pentan-2-yl]-N'~1~-[(1R)-1-(thiophen-3-yl)ethyl]cyclobutane-1,1-dicarboxamide"
3 water water
#
_entity_poly.entity_id   1
_entity_poly.type   'polypeptide(L)'
_entity_poly.pdbx_seq_one_letter_code
;KLPASFDAREQWPQCPTIKEIRDQGSCGSCWAFGAVEAISDRICIHTNAHVSVEVSAEDLLTCCGSMCGDGCNGGYPAEA
WNFWTRKGLVSGGLYESHVGCRPYSIPPCEHHVNGSRPPCTGEGDTPKCSKICEPGYSPTYKQDKHYGYNSYSVSNSEKD
IMAEIYKNGPVEGAFSVYSDFLLYKSGVYQHVTGEMMGGHAIRILGWGVENGTPYWLVANSWNTDWGDNGFFKILRGQDH
CGIESEVVAGIPRTD
;
_entity_poly.pdbx_strand_id   A,B
#
# COMPACT_ATOMS: atom_id res chain seq x y z
N LYS A 1 0.45 13.55 -15.66
CA LYS A 1 1.00 12.85 -14.46
C LYS A 1 -0.03 11.92 -13.82
N LEU A 2 -1.24 12.43 -13.60
CA LEU A 2 -2.32 11.65 -13.00
C LEU A 2 -2.93 10.67 -14.01
N PRO A 3 -3.30 9.45 -13.56
CA PRO A 3 -3.96 8.50 -14.47
C PRO A 3 -5.41 8.90 -14.77
N ALA A 4 -5.93 8.40 -15.89
CA ALA A 4 -7.31 8.70 -16.29
C ALA A 4 -8.32 8.13 -15.30
N SER A 5 -7.94 7.06 -14.59
CA SER A 5 -8.76 6.47 -13.55
C SER A 5 -7.89 6.08 -12.37
N PHE A 6 -8.47 6.13 -11.18
CA PHE A 6 -7.80 5.69 -9.97
C PHE A 6 -8.84 5.23 -8.95
N ASP A 7 -8.58 4.07 -8.33
CA ASP A 7 -9.47 3.48 -7.32
C ASP A 7 -8.62 3.07 -6.13
N ALA A 8 -8.87 3.69 -4.97
CA ALA A 8 -8.06 3.42 -3.78
C ALA A 8 -8.11 1.95 -3.36
N ARG A 9 -9.20 1.26 -3.68
CA ARG A 9 -9.37 -0.15 -3.32
C ARG A 9 -8.37 -1.03 -4.09
N GLU A 10 -8.05 -0.63 -5.32
CA GLU A 10 -7.06 -1.32 -6.14
C GLU A 10 -5.63 -0.92 -5.76
N GLN A 11 -5.42 0.33 -5.39
CA GLN A 11 -4.07 0.80 -5.05
C GLN A 11 -3.57 0.15 -3.78
N TRP A 12 -4.44 0.04 -2.78
CA TRP A 12 -4.08 -0.46 -1.44
C TRP A 12 -4.92 -1.70 -1.12
N PRO A 13 -4.60 -2.84 -1.76
CA PRO A 13 -5.43 -4.04 -1.62
C PRO A 13 -5.40 -4.68 -0.24
N GLN A 14 -4.39 -4.36 0.56
CA GLN A 14 -4.28 -4.88 1.93
C GLN A 14 -4.93 -3.98 2.96
N CYS A 15 -5.70 -2.99 2.49
CA CYS A 15 -6.41 -2.06 3.37
C CYS A 15 -7.93 -2.27 3.23
N PRO A 16 -8.48 -3.22 4.01
CA PRO A 16 -9.87 -3.62 3.85
C PRO A 16 -10.91 -2.51 4.12
N THR A 17 -10.58 -1.54 4.98
CA THR A 17 -11.53 -0.47 5.32
C THR A 17 -11.90 0.35 4.09
N ILE A 18 -10.99 0.45 3.13
CA ILE A 18 -11.23 1.24 1.91
C ILE A 18 -12.44 0.66 1.15
N LYS A 19 -12.64 -0.66 1.24
CA LYS A 19 -13.78 -1.31 0.58
C LYS A 19 -15.08 -1.29 1.37
N GLU A 20 -15.03 -0.86 2.63
CA GLU A 20 -16.12 -1.08 3.56
C GLU A 20 -17.14 0.05 3.55
N ILE A 21 -18.40 -0.32 3.38
CA ILE A 21 -19.52 0.61 3.48
C ILE A 21 -20.20 0.49 4.85
N ARG A 22 -20.38 1.64 5.51
CA ARG A 22 -21.03 1.69 6.82
C ARG A 22 -22.48 2.18 6.69
N ASP A 23 -23.19 2.18 7.83
CA ASP A 23 -24.58 2.64 7.91
C ASP A 23 -24.73 3.61 9.09
N GLN A 24 -24.96 4.88 8.77
CA GLN A 24 -25.09 5.92 9.80
C GLN A 24 -26.40 5.82 10.61
N GLY A 25 -27.33 4.98 10.16
CA GLY A 25 -28.60 4.80 10.85
C GLY A 25 -29.47 6.06 10.81
N SER A 26 -30.44 6.11 11.72
CA SER A 26 -31.31 7.28 11.87
C SER A 26 -30.62 8.32 12.76
N CYS A 27 -29.65 9.01 12.18
CA CYS A 27 -28.87 10.02 12.88
C CYS A 27 -28.07 10.77 11.82
N GLY A 28 -28.08 12.10 11.88
CA GLY A 28 -27.44 12.93 10.86
C GLY A 28 -25.94 13.06 11.08
N SER A 29 -25.27 11.91 11.15
CA SER A 29 -23.85 11.84 11.52
C SER A 29 -22.93 11.61 10.33
N CYS A 30 -23.41 11.89 9.11
CA CYS A 30 -22.60 11.76 7.90
C CYS A 30 -21.24 12.45 8.03
N TRP A 31 -21.22 13.62 8.68
CA TRP A 31 -19.99 14.39 8.87
C TRP A 31 -18.92 13.59 9.60
N ALA A 32 -19.38 12.77 10.55
CA ALA A 32 -18.50 11.92 11.33
C ALA A 32 -18.04 10.72 10.52
N PHE A 33 -18.97 10.12 9.79
CA PHE A 33 -18.68 8.91 9.03
C PHE A 33 -17.69 9.17 7.90
N GLY A 34 -17.91 10.22 7.12
CA GLY A 34 -16.95 10.61 6.10
C GLY A 34 -15.54 10.73 6.64
N ALA A 35 -15.42 11.31 7.84
CA ALA A 35 -14.13 11.51 8.49
C ALA A 35 -13.49 10.19 8.94
N VAL A 36 -14.15 9.46 9.84
CA VAL A 36 -13.56 8.24 10.39
C VAL A 36 -13.27 7.19 9.31
N GLU A 37 -14.06 7.16 8.25
CA GLU A 37 -13.82 6.21 7.15
C GLU A 37 -12.52 6.55 6.43
N ALA A 38 -12.34 7.82 6.08
CA ALA A 38 -11.12 8.25 5.41
C ALA A 38 -9.89 8.16 6.33
N ILE A 39 -10.08 8.48 7.60
CA ILE A 39 -9.01 8.33 8.60
C ILE A 39 -8.58 6.87 8.69
N SER A 40 -9.55 5.95 8.71
CA SER A 40 -9.25 4.50 8.79
C SER A 40 -8.38 4.09 7.61
N ASP A 41 -8.79 4.54 6.43
CA ASP A 41 -8.03 4.28 5.21
C ASP A 41 -6.62 4.85 5.32
N ARG A 42 -6.52 6.09 5.76
CA ARG A 42 -5.22 6.77 5.81
C ARG A 42 -4.25 6.18 6.82
N ILE A 43 -4.76 5.68 7.94
CA ILE A 43 -3.87 4.98 8.91
C ILE A 43 -3.27 3.73 8.25
N CYS A 44 -4.10 2.93 7.58
CA CYS A 44 -3.63 1.74 6.85
C CYS A 44 -2.63 2.11 5.75
N ILE A 45 -2.90 3.16 5.00
CA ILE A 45 -1.99 3.58 3.94
C ILE A 45 -0.67 4.07 4.53
N HIS A 46 -0.78 4.83 5.62
CA HIS A 46 0.39 5.45 6.28
C HIS A 46 1.32 4.41 6.91
N THR A 47 0.79 3.21 7.17
CA THR A 47 1.55 2.14 7.82
C THR A 47 1.79 0.96 6.87
N ASN A 48 1.48 1.14 5.59
CA ASN A 48 1.59 0.06 4.62
C ASN A 48 0.91 -1.23 5.09
N ALA A 49 -0.29 -1.04 5.66
CA ALA A 49 -1.19 -2.12 6.08
C ALA A 49 -0.81 -2.81 7.37
N HIS A 50 0.22 -2.31 8.06
CA HIS A 50 0.62 -2.89 9.34
C HIS A 50 -0.38 -2.55 10.44
N VAL A 51 -1.07 -1.41 10.29
CA VAL A 51 -2.17 -1.06 11.17
C VAL A 51 -3.44 -0.86 10.34
N SER A 52 -4.42 -1.73 10.53
CA SER A 52 -5.69 -1.66 9.82
C SER A 52 -6.82 -1.77 10.83
N VAL A 53 -7.52 -0.66 11.05
CA VAL A 53 -8.59 -0.61 12.04
C VAL A 53 -9.76 0.27 11.61
N GLU A 54 -10.95 -0.14 12.00
CA GLU A 54 -12.13 0.70 11.88
C GLU A 54 -12.11 1.77 12.97
N VAL A 55 -11.92 3.03 12.56
CA VAL A 55 -11.94 4.15 13.51
C VAL A 55 -13.40 4.44 13.90
N SER A 56 -13.61 4.73 15.19
CA SER A 56 -14.96 4.82 15.76
C SER A 56 -15.71 6.09 15.39
N ALA A 57 -16.81 5.92 14.65
CA ALA A 57 -17.76 7.01 14.42
C ALA A 57 -18.43 7.47 15.73
N GLU A 58 -18.72 6.50 16.61
CA GLU A 58 -19.32 6.80 17.92
C GLU A 58 -18.49 7.82 18.69
N ASP A 59 -17.20 7.58 18.76
CA ASP A 59 -16.29 8.42 19.53
C ASP A 59 -16.30 9.86 18.99
N LEU A 60 -16.16 10.00 17.68
CA LEU A 60 -16.19 11.32 17.05
C LEU A 60 -17.56 11.97 17.23
N LEU A 61 -18.62 11.19 17.01
CA LEU A 61 -20.00 11.70 17.08
C LEU A 61 -20.32 12.24 18.47
N THR A 62 -20.00 11.46 19.49
CA THR A 62 -20.47 11.75 20.85
C THR A 62 -19.56 12.69 21.64
N CYS A 63 -18.25 12.67 21.36
CA CYS A 63 -17.29 13.33 22.23
C CYS A 63 -16.68 14.65 21.72
N CYS A 64 -16.92 15.00 20.46
CA CYS A 64 -16.38 16.26 19.94
C CYS A 64 -17.03 17.48 20.60
N GLY A 65 -18.36 17.47 20.64
CA GLY A 65 -19.11 18.57 21.25
C GLY A 65 -19.30 19.73 20.31
N SER A 66 -19.34 20.94 20.87
CA SER A 66 -19.76 22.13 20.13
C SER A 66 -18.85 22.52 18.97
N MET A 67 -17.55 22.25 19.08
CA MET A 67 -16.62 22.66 18.02
C MET A 67 -16.92 21.96 16.69
N CYS A 68 -17.40 20.72 16.74
CA CYS A 68 -17.79 20.00 15.53
C CYS A 68 -19.16 20.41 15.03
N GLY A 69 -20.10 20.63 15.95
CA GLY A 69 -21.47 21.01 15.60
C GLY A 69 -22.48 20.53 16.62
N ASP A 70 -23.48 19.78 16.15
CA ASP A 70 -24.59 19.35 17.01
C ASP A 70 -24.90 17.86 16.86
N GLY A 71 -23.87 17.02 16.82
CA GLY A 71 -24.03 15.57 16.85
C GLY A 71 -24.90 15.01 15.73
N CYS A 72 -25.98 14.34 16.11
CA CYS A 72 -26.92 13.77 15.14
C CYS A 72 -27.71 14.84 14.37
N ASN A 73 -27.61 16.10 14.78
CA ASN A 73 -28.21 17.22 14.05
C ASN A 73 -27.22 17.99 13.16
N GLY A 74 -26.26 17.28 12.58
CA GLY A 74 -25.30 17.88 11.65
C GLY A 74 -24.02 18.36 12.30
N GLY A 75 -22.98 18.50 11.49
CA GLY A 75 -21.66 18.91 11.96
C GLY A 75 -20.79 19.51 10.86
N TYR A 76 -19.56 19.85 11.25
CA TYR A 76 -18.59 20.51 10.36
C TYR A 76 -17.41 19.54 10.17
N PRO A 77 -17.29 18.95 8.97
CA PRO A 77 -16.19 18.01 8.73
C PRO A 77 -14.80 18.54 9.06
N ALA A 78 -14.53 19.81 8.74
CA ALA A 78 -13.21 20.39 9.01
C ALA A 78 -12.80 20.19 10.46
N GLU A 79 -13.74 20.41 11.37
CA GLU A 79 -13.46 20.29 12.80
C GLU A 79 -13.47 18.84 13.30
N ALA A 80 -14.10 17.92 12.55
CA ALA A 80 -13.99 16.48 12.85
C ALA A 80 -12.57 15.99 12.73
N TRP A 81 -11.91 16.37 11.65
CA TRP A 81 -10.50 16.05 11.46
C TRP A 81 -9.63 16.78 12.50
N ASN A 82 -10.00 18.01 12.84
CA ASN A 82 -9.28 18.75 13.87
C ASN A 82 -9.35 18.05 15.23
N PHE A 83 -10.51 17.44 15.53
CA PHE A 83 -10.71 16.70 16.77
C PHE A 83 -9.75 15.50 16.83
N TRP A 84 -9.56 14.87 15.68
CA TRP A 84 -8.63 13.76 15.56
C TRP A 84 -7.19 14.18 15.88
N THR A 85 -6.83 15.41 15.51
CA THR A 85 -5.49 15.94 15.81
C THR A 85 -5.34 16.30 17.29
N ARG A 86 -6.43 16.72 17.92
CA ARG A 86 -6.40 17.26 19.29
C ARG A 86 -6.58 16.18 20.36
N LYS A 87 -7.69 15.45 20.27
CA LYS A 87 -8.05 14.43 21.26
C LYS A 87 -7.95 12.98 20.74
N GLY A 88 -7.78 12.80 19.44
CA GLY A 88 -7.66 11.46 18.86
C GLY A 88 -8.99 10.72 18.78
N LEU A 89 -8.97 9.56 18.14
CA LEU A 89 -10.16 8.71 18.01
C LEU A 89 -9.81 7.25 18.29
N VAL A 90 -10.65 6.58 19.08
CA VAL A 90 -10.48 5.15 19.36
C VAL A 90 -11.05 4.31 18.21
N SER A 91 -10.85 3.00 18.28
CA SER A 91 -11.40 2.07 17.30
C SER A 91 -12.86 1.78 17.63
N GLY A 92 -13.60 1.29 16.63
CA GLY A 92 -15.00 0.95 16.81
C GLY A 92 -15.62 0.55 15.49
N GLY A 93 -16.27 -0.61 15.47
CA GLY A 93 -16.85 -1.14 14.23
C GLY A 93 -18.33 -0.85 14.08
N LEU A 94 -19.01 -1.72 13.33
CA LEU A 94 -20.44 -1.55 13.03
C LEU A 94 -21.34 -1.87 14.24
N TYR A 95 -22.62 -1.53 14.12
CA TYR A 95 -23.58 -1.73 15.21
C TYR A 95 -23.65 -3.20 15.64
N GLU A 96 -23.62 -3.42 16.95
CA GLU A 96 -23.54 -4.75 17.58
C GLU A 96 -22.48 -5.69 16.96
N SER A 97 -21.35 -5.13 16.56
CA SER A 97 -20.25 -5.90 15.97
C SER A 97 -19.32 -6.44 17.05
N HIS A 98 -19.30 -5.78 18.20
CA HIS A 98 -18.33 -6.06 19.27
C HIS A 98 -16.89 -5.96 18.75
N VAL A 99 -16.66 -5.01 17.85
CA VAL A 99 -15.35 -4.80 17.25
C VAL A 99 -14.84 -3.44 17.70
N GLY A 100 -13.68 -3.43 18.34
CA GLY A 100 -13.04 -2.18 18.74
C GLY A 100 -13.54 -1.64 20.06
N CYS A 101 -13.02 -0.46 20.41
CA CYS A 101 -13.29 0.18 21.69
C CYS A 101 -14.73 0.68 21.79
N ARG A 102 -15.15 1.50 20.83
CA ARG A 102 -16.50 2.06 20.85
C ARG A 102 -17.24 1.81 19.55
N PRO A 103 -17.86 0.62 19.42
CA PRO A 103 -18.68 0.36 18.23
C PRO A 103 -19.91 1.27 18.17
N TYR A 104 -20.44 1.46 16.98
CA TYR A 104 -21.56 2.37 16.75
C TYR A 104 -22.80 1.91 17.52
N SER A 105 -23.45 2.85 18.21
CA SER A 105 -24.59 2.50 19.08
C SER A 105 -25.95 2.68 18.40
N ILE A 106 -25.96 3.31 17.23
CA ILE A 106 -27.20 3.61 16.51
C ILE A 106 -27.47 2.53 15.46
N PRO A 107 -28.62 1.84 15.54
CA PRO A 107 -28.89 0.69 14.67
C PRO A 107 -29.01 1.05 13.18
N PRO A 108 -28.70 0.09 12.28
CA PRO A 108 -28.81 0.31 10.85
C PRO A 108 -30.27 0.29 10.37
N CYS A 109 -30.51 0.83 9.18
CA CYS A 109 -31.87 0.96 8.66
C CYS A 109 -31.86 1.08 7.13
N GLU A 110 -33.06 1.02 6.53
CA GLU A 110 -33.18 1.14 5.08
C GLU A 110 -33.31 2.60 4.66
N HIS A 111 -32.31 3.07 3.93
CA HIS A 111 -32.26 4.46 3.45
C HIS A 111 -32.86 4.59 2.06
N HIS A 112 -34.14 4.94 2.00
CA HIS A 112 -34.83 5.19 0.73
C HIS A 112 -34.81 3.99 -0.24
N VAL A 113 -34.83 2.79 0.32
CA VAL A 113 -34.91 1.55 -0.46
C VAL A 113 -35.72 0.53 0.34
N ASN A 114 -36.16 -0.53 -0.33
CA ASN A 114 -36.85 -1.64 0.33
C ASN A 114 -35.86 -2.70 0.80
N GLY A 115 -36.08 -3.22 2.01
CA GLY A 115 -35.22 -4.26 2.58
C GLY A 115 -35.70 -4.73 3.93
N SER A 116 -35.02 -5.72 4.50
CA SER A 116 -35.45 -6.37 5.74
C SER A 116 -35.28 -5.52 7.00
N ARG A 117 -34.41 -4.51 6.95
CA ARG A 117 -34.17 -3.65 8.11
C ARG A 117 -35.31 -2.63 8.27
N PRO A 118 -35.44 -2.03 9.48
CA PRO A 118 -36.47 -1.01 9.65
C PRO A 118 -36.22 0.24 8.80
N PRO A 119 -37.27 1.01 8.49
CA PRO A 119 -37.06 2.23 7.70
C PRO A 119 -36.39 3.34 8.52
N CYS A 120 -35.44 4.03 7.91
CA CYS A 120 -34.77 5.14 8.59
C CYS A 120 -35.75 6.27 8.87
N THR A 121 -35.65 6.84 10.06
CA THR A 121 -36.47 7.99 10.45
C THR A 121 -35.56 9.20 10.62
N GLY A 122 -36.13 10.32 11.05
CA GLY A 122 -35.39 11.57 11.21
C GLY A 122 -34.33 11.54 12.29
N GLU A 123 -33.72 12.70 12.53
CA GLU A 123 -32.53 12.83 13.36
C GLU A 123 -32.80 12.42 14.82
N GLY A 124 -32.34 11.22 15.17
CA GLY A 124 -32.44 10.72 16.54
C GLY A 124 -31.45 11.41 17.47
N ASP A 125 -31.54 11.11 18.77
CA ASP A 125 -30.71 11.75 19.77
C ASP A 125 -29.24 11.36 19.65
N THR A 126 -28.37 12.30 20.00
CA THR A 126 -26.93 12.04 20.03
C THR A 126 -26.62 11.23 21.30
N PRO A 127 -25.93 10.09 21.15
CA PRO A 127 -25.55 9.34 22.35
C PRO A 127 -24.55 10.12 23.21
N LYS A 128 -24.41 9.71 24.48
CA LYS A 128 -23.53 10.41 25.41
C LYS A 128 -22.07 10.06 25.11
N CYS A 129 -21.16 10.99 25.45
CA CYS A 129 -19.73 10.73 25.39
C CYS A 129 -19.33 9.87 26.57
N SER A 130 -19.05 8.60 26.29
CA SER A 130 -18.61 7.64 27.29
C SER A 130 -17.17 7.26 26.97
N LYS A 131 -16.23 7.75 27.79
CA LYS A 131 -14.80 7.53 27.57
C LYS A 131 -14.32 6.20 28.18
N ILE A 132 -14.99 5.12 27.78
CA ILE A 132 -14.71 3.77 28.25
C ILE A 132 -14.97 2.80 27.09
N CYS A 133 -14.08 1.85 26.87
CA CYS A 133 -14.26 0.84 25.82
C CYS A 133 -15.33 -0.16 26.23
N GLU A 134 -15.80 -0.94 25.26
CA GLU A 134 -16.83 -1.95 25.52
C GLU A 134 -16.25 -3.11 26.34
N PRO A 135 -17.13 -3.91 26.98
CA PRO A 135 -16.64 -5.10 27.68
C PRO A 135 -16.00 -6.09 26.71
N GLY A 136 -14.85 -6.64 27.10
CA GLY A 136 -14.14 -7.64 26.31
C GLY A 136 -13.02 -7.10 25.44
N TYR A 137 -12.94 -5.79 25.27
CA TYR A 137 -11.93 -5.18 24.42
C TYR A 137 -10.71 -4.74 25.22
N SER A 138 -9.53 -4.96 24.65
CA SER A 138 -8.26 -4.39 25.14
C SER A 138 -7.57 -3.69 23.97
N PRO A 139 -6.78 -2.64 24.26
CA PRO A 139 -6.42 -2.03 25.54
C PRO A 139 -7.50 -1.05 26.07
N THR A 140 -7.14 -0.14 26.97
CA THR A 140 -8.08 0.85 27.51
C THR A 140 -8.37 1.97 26.51
N TYR A 141 -9.38 2.80 26.83
CA TYR A 141 -9.81 3.92 26.00
C TYR A 141 -8.65 4.87 25.67
N LYS A 142 -7.93 5.32 26.69
CA LYS A 142 -6.78 6.20 26.49
C LYS A 142 -5.74 5.57 25.56
N GLN A 143 -5.49 4.28 25.76
CA GLN A 143 -4.45 3.56 25.02
C GLN A 143 -4.87 3.22 23.58
N ASP A 144 -6.17 3.26 23.30
CA ASP A 144 -6.68 2.91 21.98
C ASP A 144 -6.84 4.11 21.05
N LYS A 145 -6.53 5.31 21.55
CA LYS A 145 -6.63 6.53 20.76
C LYS A 145 -5.61 6.58 19.62
N HIS A 146 -6.08 6.98 18.44
CA HIS A 146 -5.26 7.24 17.28
C HIS A 146 -5.32 8.73 16.98
N TYR A 147 -4.18 9.37 16.77
CA TYR A 147 -4.11 10.83 16.56
C TYR A 147 -3.67 11.22 15.16
N GLY A 148 -4.15 12.39 14.71
CA GLY A 148 -3.69 13.01 13.48
C GLY A 148 -2.59 14.05 13.69
N TYR A 149 -1.70 14.15 12.71
CA TYR A 149 -0.67 15.20 12.67
C TYR A 149 -1.30 16.53 12.32
N ASN A 150 -2.18 16.52 11.32
CA ASN A 150 -2.85 17.73 10.88
C ASN A 150 -4.21 17.46 10.29
N SER A 151 -4.91 18.55 10.01
CA SER A 151 -6.14 18.53 9.26
C SER A 151 -6.14 19.77 8.40
N TYR A 152 -6.65 19.66 7.18
CA TYR A 152 -6.55 20.74 6.23
C TYR A 152 -7.63 20.65 5.16
N SER A 153 -7.87 21.79 4.52
CA SER A 153 -8.75 21.86 3.38
C SER A 153 -7.96 21.56 2.12
N VAL A 154 -8.61 20.85 1.20
CA VAL A 154 -8.08 20.67 -0.14
C VAL A 154 -8.77 21.71 -1.01
N SER A 155 -8.03 22.33 -1.92
CA SER A 155 -8.59 23.42 -2.73
C SER A 155 -9.68 22.94 -3.68
N ASN A 156 -10.54 23.87 -4.10
CA ASN A 156 -11.63 23.60 -5.05
C ASN A 156 -11.07 23.55 -6.46
N SER A 157 -10.37 22.47 -6.73
CA SER A 157 -9.71 22.23 -8.00
C SER A 157 -9.68 20.73 -8.20
N GLU A 158 -10.24 20.27 -9.30
CA GLU A 158 -10.29 18.87 -9.64
C GLU A 158 -8.92 18.19 -9.51
N LYS A 159 -7.92 18.78 -10.14
CA LYS A 159 -6.58 18.19 -10.15
C LYS A 159 -5.95 18.16 -8.77
N ASP A 160 -6.20 19.17 -7.94
CA ASP A 160 -5.64 19.17 -6.59
C ASP A 160 -6.24 18.05 -5.74
N ILE A 161 -7.55 17.84 -5.88
CA ILE A 161 -8.25 16.78 -5.16
C ILE A 161 -7.76 15.40 -5.65
N MET A 162 -7.60 15.25 -6.95
CA MET A 162 -7.05 14.00 -7.52
C MET A 162 -5.65 13.74 -7.00
N ALA A 163 -4.80 14.76 -7.00
CA ALA A 163 -3.45 14.64 -6.49
C ALA A 163 -3.44 14.21 -5.02
N GLU A 164 -4.34 14.80 -4.23
CA GLU A 164 -4.44 14.50 -2.80
C GLU A 164 -4.81 13.03 -2.55
N ILE A 165 -5.76 12.53 -3.32
CA ILE A 165 -6.21 11.15 -3.17
C ILE A 165 -5.10 10.20 -3.63
N TYR A 166 -4.50 10.54 -4.77
CA TYR A 166 -3.44 9.75 -5.39
C TYR A 166 -2.20 9.58 -4.49
N LYS A 167 -1.87 10.62 -3.74
CA LYS A 167 -0.70 10.63 -2.87
C LYS A 167 -1.01 10.16 -1.45
N ASN A 168 -2.06 10.72 -0.85
CA ASN A 168 -2.32 10.58 0.59
C ASN A 168 -3.53 9.75 0.97
N GLY A 169 -4.33 9.33 -0.01
CA GLY A 169 -5.46 8.47 0.24
C GLY A 169 -6.81 9.17 0.25
N PRO A 170 -7.89 8.40 0.46
CA PRO A 170 -9.25 8.92 0.45
C PRO A 170 -9.44 10.16 1.32
N VAL A 171 -10.39 10.99 0.92
CA VAL A 171 -10.67 12.24 1.59
C VAL A 171 -12.15 12.28 1.98
N GLU A 172 -12.54 13.28 2.78
CA GLU A 172 -13.94 13.55 3.04
C GLU A 172 -14.36 14.75 2.19
N GLY A 173 -15.59 14.70 1.71
CA GLY A 173 -16.17 15.82 0.96
C GLY A 173 -17.63 15.96 1.32
N ALA A 174 -18.25 17.00 0.77
CA ALA A 174 -19.66 17.24 1.02
C ALA A 174 -20.31 17.78 -0.22
N PHE A 175 -21.58 17.46 -0.41
CA PHE A 175 -22.33 17.96 -1.56
C PHE A 175 -23.79 18.19 -1.22
N SER A 176 -24.47 18.96 -2.05
CA SER A 176 -25.89 19.25 -1.87
C SER A 176 -26.71 18.10 -2.42
N VAL A 177 -27.55 17.50 -1.57
CA VAL A 177 -28.44 16.42 -2.00
C VAL A 177 -29.77 16.96 -2.54
N TYR A 178 -30.09 16.59 -3.76
CA TYR A 178 -31.43 16.83 -4.32
C TYR A 178 -32.19 15.51 -4.35
N SER A 179 -33.52 15.58 -4.43
CA SER A 179 -34.34 14.37 -4.27
C SER A 179 -34.04 13.26 -5.29
N ASP A 180 -33.52 13.61 -6.46
CA ASP A 180 -33.17 12.57 -7.45
C ASP A 180 -31.96 11.74 -7.03
N PHE A 181 -31.08 12.30 -6.21
CA PHE A 181 -29.94 11.55 -5.71
C PHE A 181 -30.38 10.35 -4.87
N LEU A 182 -31.48 10.51 -4.14
CA LEU A 182 -31.95 9.46 -3.25
C LEU A 182 -32.26 8.16 -4.00
N LEU A 183 -32.64 8.29 -5.28
CA LEU A 183 -33.02 7.16 -6.11
C LEU A 183 -31.85 6.55 -6.88
N TYR A 184 -30.64 7.08 -6.69
CA TYR A 184 -29.47 6.62 -7.41
C TYR A 184 -29.28 5.10 -7.35
N LYS A 185 -29.06 4.48 -8.50
CA LYS A 185 -28.73 3.05 -8.56
C LYS A 185 -27.36 2.77 -9.19
N SER A 186 -27.06 3.44 -10.30
CA SER A 186 -25.82 3.20 -11.03
C SER A 186 -25.53 4.34 -12.01
N GLY A 187 -24.36 4.27 -12.64
CA GLY A 187 -23.94 5.28 -13.59
C GLY A 187 -23.36 6.49 -12.89
N VAL A 188 -23.24 7.58 -13.64
CA VAL A 188 -22.71 8.82 -13.06
C VAL A 188 -23.88 9.73 -12.72
N TYR A 189 -23.97 10.11 -11.44
CA TYR A 189 -25.02 11.00 -10.99
C TYR A 189 -24.81 12.41 -11.50
N GLN A 190 -25.84 12.96 -12.14
CA GLN A 190 -25.97 14.38 -12.36
C GLN A 190 -27.39 14.77 -12.00
N HIS A 191 -27.55 15.92 -11.36
CA HIS A 191 -28.82 16.37 -10.82
C HIS A 191 -29.66 16.83 -12.00
N VAL A 192 -30.82 16.18 -12.19
CA VAL A 192 -31.74 16.49 -13.29
C VAL A 192 -33.17 16.79 -12.84
N THR A 193 -33.55 16.33 -11.65
CA THR A 193 -34.87 16.62 -11.08
C THR A 193 -34.80 16.74 -9.55
N GLY A 194 -35.80 17.39 -8.98
CA GLY A 194 -36.00 17.40 -7.54
C GLY A 194 -35.46 18.61 -6.82
N GLU A 195 -36.04 18.89 -5.65
CA GLU A 195 -35.66 20.02 -4.83
C GLU A 195 -34.46 19.69 -3.95
N MET A 196 -33.88 20.74 -3.37
CA MET A 196 -32.78 20.63 -2.42
C MET A 196 -33.25 20.01 -1.10
N MET A 197 -32.59 18.92 -0.68
CA MET A 197 -32.92 18.25 0.59
C MET A 197 -31.96 18.63 1.73
N GLY A 198 -30.77 19.12 1.39
CA GLY A 198 -29.73 19.47 2.38
C GLY A 198 -28.36 18.97 1.99
N GLY A 199 -27.35 19.34 2.78
CA GLY A 199 -25.99 18.89 2.57
C GLY A 199 -25.72 17.49 3.09
N HIS A 200 -24.72 16.83 2.52
CA HIS A 200 -24.36 15.46 2.89
C HIS A 200 -22.87 15.22 2.71
N ALA A 201 -22.23 14.71 3.78
CA ALA A 201 -20.80 14.41 3.80
C ALA A 201 -20.54 12.94 3.45
N ILE A 202 -19.50 12.72 2.66
CA ILE A 202 -19.20 11.40 2.10
C ILE A 202 -17.69 11.21 2.00
N ARG A 203 -17.25 10.04 1.55
CA ARG A 203 -15.84 9.70 1.39
C ARG A 203 -15.51 9.54 -0.09
N ILE A 204 -14.55 10.31 -0.60
CA ILE A 204 -14.12 10.20 -1.99
C ILE A 204 -12.85 9.36 -2.06
N LEU A 205 -12.89 8.30 -2.85
CA LEU A 205 -11.80 7.33 -2.88
C LEU A 205 -11.23 7.10 -4.28
N GLY A 206 -11.61 7.91 -5.26
CA GLY A 206 -11.05 7.77 -6.58
C GLY A 206 -11.81 8.53 -7.63
N TRP A 207 -11.54 8.19 -8.88
CA TRP A 207 -12.17 8.84 -10.03
C TRP A 207 -12.08 7.95 -11.26
N GLY A 208 -12.82 8.31 -12.30
CA GLY A 208 -12.70 7.59 -13.54
C GLY A 208 -13.55 8.25 -14.60
N VAL A 209 -13.79 7.50 -15.67
CA VAL A 209 -14.62 7.98 -16.77
C VAL A 209 -15.54 6.84 -17.16
N GLU A 210 -16.81 7.15 -17.38
CA GLU A 210 -17.78 6.16 -17.83
C GLU A 210 -18.60 6.73 -18.97
N ASN A 211 -18.53 6.06 -20.13
CA ASN A 211 -19.23 6.52 -21.35
C ASN A 211 -18.95 8.00 -21.66
N GLY A 212 -17.69 8.40 -21.48
CA GLY A 212 -17.26 9.77 -21.76
C GLY A 212 -17.45 10.77 -20.62
N THR A 213 -18.14 10.36 -19.55
CA THR A 213 -18.44 11.25 -18.44
C THR A 213 -17.43 11.06 -17.30
N PRO A 214 -16.67 12.10 -16.95
CA PRO A 214 -15.77 12.01 -15.80
C PRO A 214 -16.50 12.01 -14.47
N TYR A 215 -16.04 11.19 -13.53
CA TYR A 215 -16.71 11.06 -12.25
C TYR A 215 -15.74 10.92 -11.08
N TRP A 216 -16.29 11.15 -9.89
CA TRP A 216 -15.63 10.83 -8.63
C TRP A 216 -16.25 9.54 -8.11
N LEU A 217 -15.41 8.67 -7.55
CA LEU A 217 -15.85 7.44 -6.92
C LEU A 217 -16.07 7.73 -5.45
N VAL A 218 -17.31 7.54 -5.00
CA VAL A 218 -17.71 7.96 -3.66
C VAL A 218 -18.38 6.83 -2.86
N ALA A 219 -18.04 6.75 -1.58
CA ALA A 219 -18.70 5.87 -0.63
C ALA A 219 -19.74 6.64 0.19
N ASN A 220 -20.97 6.16 0.16
CA ASN A 220 -22.02 6.70 1.01
C ASN A 220 -22.05 5.88 2.30
N SER A 221 -22.80 6.37 3.29
CA SER A 221 -22.94 5.71 4.60
C SER A 221 -24.38 5.29 4.85
N TRP A 222 -25.00 4.75 3.80
CA TRP A 222 -26.40 4.33 3.83
C TRP A 222 -26.53 2.83 3.60
N ASN A 223 -25.52 2.06 4.05
CA ASN A 223 -25.51 0.60 3.93
C ASN A 223 -25.30 0.14 2.49
N THR A 224 -25.18 -1.17 2.31
CA THR A 224 -24.76 -1.73 1.03
C THR A 224 -25.90 -1.98 0.03
N ASP A 225 -27.16 -1.89 0.45
CA ASP A 225 -28.31 -2.06 -0.47
C ASP A 225 -28.86 -0.74 -1.01
N TRP A 226 -28.19 0.36 -0.67
CA TRP A 226 -28.43 1.63 -1.34
C TRP A 226 -27.44 1.81 -2.49
N GLY A 227 -27.90 2.41 -3.57
CA GLY A 227 -27.03 2.75 -4.70
C GLY A 227 -26.32 1.56 -5.30
N ASP A 228 -25.06 1.78 -5.68
CA ASP A 228 -24.24 0.74 -6.28
C ASP A 228 -23.40 0.07 -5.19
N ASN A 229 -24.01 -0.90 -4.49
CA ASN A 229 -23.39 -1.57 -3.34
C ASN A 229 -22.91 -0.61 -2.23
N GLY A 230 -23.64 0.50 -2.06
CA GLY A 230 -23.28 1.51 -1.07
C GLY A 230 -22.45 2.66 -1.61
N PHE A 231 -21.90 2.48 -2.81
CA PHE A 231 -21.14 3.52 -3.48
C PHE A 231 -22.00 4.25 -4.53
N PHE A 232 -21.48 5.38 -4.97
CA PHE A 232 -22.00 6.06 -6.15
C PHE A 232 -20.88 6.79 -6.88
N LYS A 233 -21.19 7.16 -8.11
CA LYS A 233 -20.34 8.01 -8.92
C LYS A 233 -21.07 9.32 -9.14
N ILE A 234 -20.33 10.43 -9.13
CA ILE A 234 -20.89 11.75 -9.37
C ILE A 234 -19.99 12.55 -10.31
N LEU A 235 -20.62 13.35 -11.17
CA LEU A 235 -19.89 14.12 -12.18
C LEU A 235 -18.72 14.88 -11.58
N ARG A 236 -17.57 14.79 -12.23
CA ARG A 236 -16.32 15.41 -11.81
C ARG A 236 -15.93 16.54 -12.77
N GLY A 237 -15.41 17.64 -12.21
CA GLY A 237 -14.81 18.71 -13.00
C GLY A 237 -15.62 20.00 -13.16
N GLN A 238 -16.84 20.04 -12.61
CA GLN A 238 -17.68 21.24 -12.68
C GLN A 238 -18.23 21.65 -11.31
N ASP A 239 -17.58 21.17 -10.25
CA ASP A 239 -18.03 21.38 -8.87
C ASP A 239 -19.52 21.03 -8.72
N HIS A 240 -19.88 19.88 -9.29
CA HIS A 240 -21.27 19.49 -9.38
C HIS A 240 -21.89 19.25 -8.01
N CYS A 241 -23.01 19.94 -7.73
CA CYS A 241 -23.62 19.90 -6.41
C CYS A 241 -22.64 20.27 -5.29
N GLY A 242 -21.59 21.02 -5.63
CA GLY A 242 -20.57 21.41 -4.66
C GLY A 242 -19.58 20.33 -4.26
N ILE A 243 -19.50 19.24 -5.04
CA ILE A 243 -18.67 18.09 -4.65
C ILE A 243 -17.17 18.41 -4.53
N GLU A 244 -16.70 19.44 -5.22
CA GLU A 244 -15.28 19.81 -5.15
C GLU A 244 -15.00 20.95 -4.15
N SER A 245 -16.02 21.41 -3.44
CA SER A 245 -15.94 22.69 -2.71
C SER A 245 -15.66 22.58 -1.21
N GLU A 246 -15.77 21.37 -0.65
CA GLU A 246 -15.64 21.15 0.80
C GLU A 246 -14.86 19.87 1.10
N VAL A 247 -13.76 19.66 0.37
CA VAL A 247 -12.93 18.48 0.58
C VAL A 247 -11.97 18.76 1.73
N VAL A 248 -11.81 17.79 2.61
CA VAL A 248 -10.98 17.93 3.79
C VAL A 248 -10.25 16.63 4.05
N ALA A 249 -9.08 16.73 4.67
CA ALA A 249 -8.24 15.58 4.89
C ALA A 249 -7.25 15.85 6.01
N GLY A 250 -6.30 14.95 6.18
CA GLY A 250 -5.33 15.06 7.27
C GLY A 250 -4.42 13.85 7.23
N ILE A 251 -3.20 14.01 7.75
CA ILE A 251 -2.22 12.92 7.80
C ILE A 251 -2.12 12.37 9.22
N PRO A 252 -2.10 11.02 9.37
CA PRO A 252 -1.98 10.44 10.71
C PRO A 252 -0.62 10.63 11.36
N ARG A 253 -0.63 10.70 12.69
CA ARG A 253 0.55 10.39 13.51
C ARG A 253 0.76 8.89 13.49
N THR A 254 2.00 8.49 13.68
CA THR A 254 2.32 7.08 13.82
C THR A 254 2.05 6.68 15.26
N ASP A 255 1.24 5.63 15.41
CA ASP A 255 0.79 5.13 16.70
C ASP A 255 1.96 4.70 17.59
N LEU B 2 0.97 -14.77 13.05
CA LEU B 2 1.88 -15.17 11.94
C LEU B 2 2.14 -16.68 11.97
N PRO B 3 2.21 -17.32 10.79
CA PRO B 3 2.55 -18.75 10.77
C PRO B 3 4.01 -19.00 11.13
N ALA B 4 4.32 -20.22 11.55
CA ALA B 4 5.68 -20.59 11.92
C ALA B 4 6.61 -20.58 10.70
N SER B 5 6.07 -20.88 9.52
CA SER B 5 6.84 -20.79 8.28
C SER B 5 6.00 -20.12 7.22
N PHE B 6 6.68 -19.49 6.28
CA PHE B 6 6.03 -18.86 5.16
C PHE B 6 6.99 -18.80 3.98
N ASP B 7 6.51 -19.21 2.81
CA ASP B 7 7.29 -19.18 1.59
C ASP B 7 6.45 -18.48 0.53
N ALA B 8 6.90 -17.31 0.07
CA ALA B 8 6.17 -16.54 -0.95
C ALA B 8 5.93 -17.33 -2.25
N ARG B 9 6.81 -18.27 -2.55
CA ARG B 9 6.62 -19.10 -3.73
C ARG B 9 5.37 -19.99 -3.63
N GLU B 10 5.05 -20.42 -2.41
CA GLU B 10 3.86 -21.23 -2.13
C GLU B 10 2.60 -20.38 -2.04
N GLN B 11 2.72 -19.18 -1.47
CA GLN B 11 1.57 -18.32 -1.31
C GLN B 11 1.07 -17.84 -2.65
N TRP B 12 2.01 -17.54 -3.54
CA TRP B 12 1.70 -16.92 -4.82
C TRP B 12 2.21 -17.79 -5.97
N PRO B 13 1.54 -18.94 -6.21
CA PRO B 13 2.03 -19.92 -7.18
C PRO B 13 1.90 -19.51 -8.66
N GLN B 14 1.16 -18.42 -8.94
CA GLN B 14 1.04 -17.91 -10.30
C GLN B 14 2.00 -16.74 -10.57
N CYS B 15 2.97 -16.54 -9.68
CA CYS B 15 3.95 -15.47 -9.81
C CYS B 15 5.33 -16.12 -9.94
N PRO B 16 5.69 -16.53 -11.17
CA PRO B 16 6.93 -17.29 -11.33
C PRO B 16 8.21 -16.51 -11.00
N THR B 17 8.16 -15.18 -11.05
CA THR B 17 9.37 -14.38 -10.73
C THR B 17 9.85 -14.61 -9.30
N ILE B 18 8.94 -15.00 -8.40
CA ILE B 18 9.31 -15.26 -7.00
C ILE B 18 10.27 -16.45 -6.91
N LYS B 19 10.12 -17.42 -7.81
CA LYS B 19 11.01 -18.59 -7.87
C LYS B 19 12.32 -18.35 -8.63
N GLU B 20 12.43 -17.21 -9.32
CA GLU B 20 13.54 -16.98 -10.25
C GLU B 20 14.79 -16.44 -9.57
N ILE B 21 15.93 -17.04 -9.90
CA ILE B 21 17.25 -16.56 -9.47
C ILE B 21 17.98 -15.95 -10.66
N ARG B 22 18.53 -14.75 -10.45
CA ARG B 22 19.25 -14.02 -11.48
C ARG B 22 20.75 -14.12 -11.24
N ASP B 23 21.52 -13.42 -12.07
CA ASP B 23 22.98 -13.35 -11.95
C ASP B 23 23.44 -11.92 -12.23
N GLN B 24 23.98 -11.27 -11.21
CA GLN B 24 24.48 -9.90 -11.34
C GLN B 24 25.79 -9.81 -12.13
N GLY B 25 26.40 -10.97 -12.40
CA GLY B 25 27.64 -11.02 -13.18
C GLY B 25 28.79 -10.39 -12.41
N SER B 26 29.81 -9.97 -13.15
CA SER B 26 30.95 -9.27 -12.58
C SER B 26 30.65 -7.78 -12.52
N CYS B 27 29.70 -7.43 -11.67
CA CYS B 27 29.31 -6.05 -11.45
C CYS B 27 28.73 -5.96 -10.04
N GLY B 28 29.08 -4.90 -9.32
CA GLY B 28 28.62 -4.70 -7.95
C GLY B 28 27.22 -4.15 -7.84
N SER B 29 26.28 -4.83 -8.50
CA SER B 29 24.90 -4.34 -8.66
C SER B 29 23.87 -5.11 -7.82
N CYS B 30 24.32 -5.81 -6.79
CA CYS B 30 23.41 -6.49 -5.86
C CYS B 30 22.29 -5.56 -5.37
N TRP B 31 22.62 -4.31 -5.07
CA TRP B 31 21.64 -3.32 -4.60
C TRP B 31 20.46 -3.17 -5.56
N ALA B 32 20.76 -3.25 -6.86
CA ALA B 32 19.75 -3.14 -7.91
C ALA B 32 18.99 -4.44 -8.09
N PHE B 33 19.71 -5.56 -8.06
CA PHE B 33 19.05 -6.86 -8.20
C PHE B 33 18.04 -7.15 -7.09
N GLY B 34 18.44 -6.97 -5.83
CA GLY B 34 17.52 -7.13 -4.72
C GLY B 34 16.23 -6.34 -4.93
N ALA B 35 16.37 -5.10 -5.40
CA ALA B 35 15.23 -4.22 -5.63
C ALA B 35 14.35 -4.72 -6.75
N VAL B 36 14.92 -4.93 -7.94
CA VAL B 36 14.08 -5.31 -9.09
C VAL B 36 13.42 -6.67 -8.93
N GLU B 37 14.06 -7.59 -8.21
CA GLU B 37 13.46 -8.90 -7.98
C GLU B 37 12.23 -8.74 -7.10
N ALA B 38 12.37 -8.02 -5.98
CA ALA B 38 11.24 -7.82 -5.08
C ALA B 38 10.12 -7.00 -5.75
N ILE B 39 10.50 -6.01 -6.55
CA ILE B 39 9.51 -5.24 -7.31
C ILE B 39 8.75 -6.11 -8.31
N SER B 40 9.44 -6.98 -9.05
CA SER B 40 8.79 -7.92 -9.97
C SER B 40 7.76 -8.77 -9.24
N ASP B 41 8.15 -9.29 -8.08
CA ASP B 41 7.25 -10.11 -7.28
C ASP B 41 6.01 -9.31 -6.85
N ARG B 42 6.23 -8.11 -6.35
CA ARG B 42 5.14 -7.28 -5.85
C ARG B 42 4.18 -6.80 -6.93
N ILE B 43 4.68 -6.54 -8.14
CA ILE B 43 3.76 -6.23 -9.25
C ILE B 43 2.84 -7.42 -9.51
N CYS B 44 3.40 -8.64 -9.50
CA CYS B 44 2.57 -9.83 -9.68
C CYS B 44 1.57 -10.01 -8.54
N ILE B 45 1.99 -9.77 -7.31
CA ILE B 45 1.10 -9.91 -6.16
C ILE B 45 0.00 -8.86 -6.18
N HIS B 46 0.40 -7.63 -6.48
CA HIS B 46 -0.51 -6.49 -6.50
C HIS B 46 -1.61 -6.62 -7.56
N THR B 47 -1.37 -7.41 -8.60
CA THR B 47 -2.32 -7.62 -9.69
C THR B 47 -2.88 -9.05 -9.73
N ASN B 48 -2.71 -9.80 -8.64
CA ASN B 48 -3.17 -11.20 -8.60
C ASN B 48 -2.80 -11.98 -9.86
N ALA B 49 -1.55 -11.77 -10.27
CA ALA B 49 -0.90 -12.51 -11.35
C ALA B 49 -1.38 -12.12 -12.75
N HIS B 50 -2.17 -11.05 -12.86
CA HIS B 50 -2.55 -10.50 -14.15
C HIS B 50 -1.39 -9.82 -14.87
N VAL B 51 -0.45 -9.26 -14.09
CA VAL B 51 0.77 -8.69 -14.65
C VAL B 51 1.96 -9.39 -14.04
N SER B 52 2.69 -10.16 -14.86
CA SER B 52 3.93 -10.80 -14.42
C SER B 52 5.05 -10.48 -15.40
N VAL B 53 6.00 -9.67 -14.95
CA VAL B 53 7.12 -9.25 -15.77
C VAL B 53 8.40 -9.25 -14.96
N GLU B 54 9.51 -9.62 -15.61
CA GLU B 54 10.83 -9.43 -15.05
C GLU B 54 11.21 -7.95 -15.20
N VAL B 55 11.33 -7.25 -14.09
CA VAL B 55 11.71 -5.85 -14.10
C VAL B 55 13.22 -5.71 -14.34
N SER B 56 13.59 -4.73 -15.16
CA SER B 56 14.96 -4.60 -15.67
C SER B 56 15.97 -4.13 -14.62
N ALA B 57 16.91 -5.01 -14.28
CA ALA B 57 18.05 -4.62 -13.47
C ALA B 57 18.93 -3.59 -14.20
N GLU B 58 19.02 -3.74 -15.52
CA GLU B 58 19.78 -2.82 -16.36
C GLU B 58 19.26 -1.38 -16.23
N ASP B 59 17.93 -1.22 -16.28
CA ASP B 59 17.31 0.10 -16.26
C ASP B 59 17.63 0.84 -14.96
N LEU B 60 17.52 0.14 -13.83
CA LEU B 60 17.86 0.73 -12.53
C LEU B 60 19.37 1.00 -12.40
N LEU B 61 20.18 0.01 -12.74
CA LEU B 61 21.63 0.10 -12.60
C LEU B 61 22.24 1.29 -13.34
N THR B 62 21.71 1.57 -14.53
CA THR B 62 22.32 2.56 -15.42
C THR B 62 21.68 3.95 -15.35
N CYS B 63 20.38 4.02 -15.06
CA CYS B 63 19.64 5.30 -15.16
C CYS B 63 19.39 6.04 -13.85
N CYS B 64 19.59 5.41 -12.69
CA CYS B 64 19.40 6.14 -11.44
C CYS B 64 20.44 7.25 -11.25
N GLY B 65 21.71 6.90 -11.48
CA GLY B 65 22.81 7.84 -11.31
C GLY B 65 23.17 8.07 -9.85
N SER B 66 23.73 9.24 -9.56
CA SER B 66 24.35 9.52 -8.27
C SER B 66 23.43 9.38 -7.05
N MET B 67 22.12 9.55 -7.23
CA MET B 67 21.19 9.39 -6.11
C MET B 67 21.18 7.96 -5.54
N CYS B 68 21.47 6.97 -6.40
CA CYS B 68 21.50 5.56 -5.97
C CYS B 68 22.89 5.05 -5.59
N GLY B 69 23.94 5.76 -5.99
CA GLY B 69 25.32 5.35 -5.71
C GLY B 69 26.21 5.48 -6.94
N ASP B 70 27.04 4.47 -7.17
CA ASP B 70 27.94 4.45 -8.32
C ASP B 70 27.88 3.14 -9.09
N GLY B 71 26.67 2.78 -9.53
CA GLY B 71 26.46 1.65 -10.43
C GLY B 71 27.07 0.35 -9.99
N CYS B 72 28.01 -0.15 -10.81
CA CYS B 72 28.71 -1.42 -10.53
C CYS B 72 29.75 -1.34 -9.42
N ASN B 73 29.92 -0.16 -8.81
CA ASN B 73 30.76 0.00 -7.63
C ASN B 73 29.96 0.05 -6.32
N GLY B 74 28.72 -0.45 -6.34
CA GLY B 74 27.87 -0.47 -5.15
C GLY B 74 26.87 0.68 -5.11
N GLY B 75 25.75 0.47 -4.41
CA GLY B 75 24.67 1.47 -4.33
C GLY B 75 23.89 1.43 -3.03
N TYR B 76 22.81 2.21 -2.98
CA TYR B 76 21.99 2.39 -1.77
C TYR B 76 20.55 1.93 -2.06
N PRO B 77 20.19 0.70 -1.63
CA PRO B 77 18.88 0.09 -1.93
C PRO B 77 17.67 0.99 -1.70
N ALA B 78 17.66 1.73 -0.59
CA ALA B 78 16.52 2.61 -0.31
C ALA B 78 16.25 3.56 -1.48
N GLU B 79 17.31 4.13 -2.04
CA GLU B 79 17.15 5.06 -3.18
C GLU B 79 16.83 4.35 -4.51
N ALA B 80 17.14 3.06 -4.61
CA ALA B 80 16.72 2.26 -5.76
C ALA B 80 15.20 2.19 -5.82
N TRP B 81 14.57 1.93 -4.68
CA TRP B 81 13.11 1.91 -4.61
C TRP B 81 12.52 3.30 -4.84
N ASN B 82 13.17 4.34 -4.33
CA ASN B 82 12.74 5.71 -4.62
C ASN B 82 12.73 6.00 -6.13
N PHE B 83 13.78 5.58 -6.82
CA PHE B 83 13.88 5.74 -8.29
C PHE B 83 12.65 5.14 -8.99
N TRP B 84 12.25 3.96 -8.51
CA TRP B 84 11.07 3.28 -9.04
C TRP B 84 9.82 4.13 -8.86
N THR B 85 9.73 4.88 -7.76
CA THR B 85 8.59 5.78 -7.55
C THR B 85 8.66 7.04 -8.42
N ARG B 86 9.88 7.46 -8.75
CA ARG B 86 10.11 8.74 -9.44
C ARG B 86 10.11 8.60 -10.95
N LYS B 87 10.98 7.74 -11.47
CA LYS B 87 11.16 7.52 -12.91
C LYS B 87 10.57 6.20 -13.39
N GLY B 88 10.27 5.28 -12.49
CA GLY B 88 9.79 3.96 -12.89
C GLY B 88 10.87 3.08 -13.49
N LEU B 89 10.50 1.83 -13.76
CA LEU B 89 11.43 0.85 -14.32
C LEU B 89 10.75 0.05 -15.44
N VAL B 90 11.45 -0.12 -16.55
CA VAL B 90 10.97 -0.98 -17.65
C VAL B 90 11.26 -2.45 -17.39
N SER B 91 10.72 -3.31 -18.25
CA SER B 91 10.95 -4.76 -18.17
C SER B 91 12.33 -5.08 -18.74
N GLY B 92 12.85 -6.26 -18.40
CA GLY B 92 14.17 -6.67 -18.87
C GLY B 92 14.62 -7.97 -18.24
N GLY B 93 14.83 -8.99 -19.08
CA GLY B 93 15.20 -10.32 -18.59
C GLY B 93 16.69 -10.52 -18.38
N LEU B 94 17.10 -11.79 -18.45
CA LEU B 94 18.49 -12.18 -18.20
C LEU B 94 19.40 -11.80 -19.37
N TYR B 95 20.70 -11.98 -19.19
CA TYR B 95 21.69 -11.71 -20.23
C TYR B 95 21.41 -12.54 -21.47
N GLU B 96 21.35 -11.86 -22.62
CA GLU B 96 21.07 -12.49 -23.92
C GLU B 96 19.77 -13.29 -23.95
N SER B 97 18.78 -12.85 -23.16
CA SER B 97 17.46 -13.47 -23.15
C SER B 97 16.58 -12.90 -24.25
N HIS B 98 16.87 -11.66 -24.65
CA HIS B 98 16.01 -10.89 -25.55
C HIS B 98 14.57 -10.83 -25.03
N VAL B 99 14.45 -10.76 -23.71
CA VAL B 99 13.17 -10.67 -23.02
C VAL B 99 13.05 -9.27 -22.44
N GLY B 100 11.93 -8.61 -22.73
CA GLY B 100 11.64 -7.30 -22.17
C GLY B 100 12.34 -6.16 -22.87
N CYS B 101 12.12 -4.96 -22.35
CA CYS B 101 12.65 -3.73 -22.92
C CYS B 101 14.18 -3.65 -22.84
N ARG B 102 14.73 -3.81 -21.63
CA ARG B 102 16.17 -3.67 -21.40
C ARG B 102 16.74 -4.88 -20.65
N PRO B 103 16.98 -6.00 -21.35
CA PRO B 103 17.63 -7.13 -20.69
C PRO B 103 19.02 -6.77 -20.16
N TYR B 104 19.49 -7.54 -19.17
CA TYR B 104 20.76 -7.26 -18.49
C TYR B 104 21.92 -7.46 -19.44
N SER B 105 22.87 -6.52 -19.46
CA SER B 105 23.95 -6.50 -20.45
C SER B 105 25.28 -7.04 -19.96
N ILE B 106 25.39 -7.33 -18.67
CA ILE B 106 26.62 -7.87 -18.10
C ILE B 106 26.48 -9.38 -18.00
N PRO B 107 27.43 -10.14 -18.59
CA PRO B 107 27.27 -11.59 -18.71
C PRO B 107 27.35 -12.34 -17.37
N PRO B 108 26.72 -13.53 -17.30
CA PRO B 108 26.78 -14.34 -16.08
C PRO B 108 28.17 -14.94 -15.86
N CYS B 109 28.48 -15.29 -14.62
CA CYS B 109 29.80 -15.82 -14.29
C CYS B 109 29.72 -16.70 -13.05
N GLU B 110 30.79 -17.47 -12.80
CA GLU B 110 30.84 -18.36 -11.65
C GLU B 110 31.21 -17.59 -10.38
N HIS B 111 30.33 -17.64 -9.39
CA HIS B 111 30.50 -16.91 -8.14
C HIS B 111 30.95 -17.86 -7.03
N HIS B 112 32.26 -17.94 -6.81
CA HIS B 112 32.84 -18.77 -5.74
C HIS B 112 32.51 -20.27 -5.88
N VAL B 113 32.23 -20.70 -7.12
CA VAL B 113 31.87 -22.10 -7.40
C VAL B 113 32.49 -22.49 -8.75
N ASN B 114 32.66 -23.79 -8.99
CA ASN B 114 33.10 -24.29 -10.29
C ASN B 114 31.93 -24.46 -11.25
N GLY B 115 32.23 -24.51 -12.54
CA GLY B 115 31.19 -24.69 -13.56
C GLY B 115 31.68 -24.45 -14.97
N SER B 116 30.74 -24.20 -15.88
CA SER B 116 31.04 -24.02 -17.30
C SER B 116 31.20 -22.55 -17.69
N ARG B 117 30.68 -21.62 -16.88
CA ARG B 117 30.78 -20.19 -17.18
C ARG B 117 32.14 -19.63 -16.77
N PRO B 118 32.52 -18.45 -17.29
CA PRO B 118 33.77 -17.80 -16.87
C PRO B 118 33.73 -17.39 -15.39
N PRO B 119 34.91 -17.38 -14.72
CA PRO B 119 34.91 -16.93 -13.32
C PRO B 119 34.68 -15.42 -13.22
N CYS B 120 33.92 -14.99 -12.19
CA CYS B 120 33.64 -13.57 -12.01
C CYS B 120 34.93 -12.78 -11.71
N THR B 121 34.97 -11.55 -12.21
CA THR B 121 36.15 -10.69 -12.07
C THR B 121 35.93 -9.47 -11.16
N GLY B 122 34.71 -9.28 -10.66
CA GLY B 122 34.43 -8.25 -9.66
C GLY B 122 34.38 -6.83 -10.19
N GLU B 123 33.18 -6.24 -10.19
CA GLU B 123 32.96 -4.82 -10.52
C GLU B 123 33.67 -4.32 -11.78
N GLY B 124 32.99 -4.48 -12.91
CA GLY B 124 33.47 -3.95 -14.19
C GLY B 124 32.99 -2.52 -14.42
N ASP B 125 32.75 -2.19 -15.69
CA ASP B 125 32.25 -0.87 -16.07
C ASP B 125 30.73 -0.83 -15.97
N THR B 126 30.20 0.30 -15.52
CA THR B 126 28.75 0.49 -15.44
C THR B 126 28.27 0.97 -16.82
N PRO B 127 27.28 0.28 -17.41
CA PRO B 127 26.79 0.70 -18.73
C PRO B 127 26.07 2.05 -18.71
N LYS B 128 25.86 2.61 -19.89
CA LYS B 128 25.20 3.90 -20.04
C LYS B 128 23.68 3.76 -19.95
N CYS B 129 23.02 4.81 -19.44
CA CYS B 129 21.56 4.88 -19.45
C CYS B 129 21.10 5.13 -20.87
N SER B 130 20.58 4.08 -21.51
CA SER B 130 19.99 4.18 -22.83
C SER B 130 18.48 4.00 -22.68
N LYS B 131 17.74 5.09 -22.88
CA LYS B 131 16.29 5.11 -22.69
C LYS B 131 15.58 4.63 -23.95
N ILE B 132 15.91 3.42 -24.40
CA ILE B 132 15.32 2.82 -25.59
C ILE B 132 15.27 1.30 -25.46
N CYS B 133 14.13 0.71 -25.84
CA CYS B 133 13.93 -0.73 -25.74
C CYS B 133 14.67 -1.44 -26.87
N GLU B 134 15.05 -2.69 -26.60
CA GLU B 134 15.77 -3.49 -27.58
C GLU B 134 14.94 -3.74 -28.84
N PRO B 135 15.63 -3.99 -29.97
CA PRO B 135 14.92 -4.33 -31.21
C PRO B 135 13.97 -5.52 -31.02
N GLY B 136 12.83 -5.46 -31.69
CA GLY B 136 11.83 -6.53 -31.60
C GLY B 136 10.75 -6.27 -30.56
N TYR B 137 11.15 -5.77 -29.38
CA TYR B 137 10.23 -5.57 -28.27
C TYR B 137 9.32 -4.35 -28.44
N SER B 138 8.04 -4.55 -28.14
CA SER B 138 7.09 -3.46 -27.93
C SER B 138 6.51 -3.63 -26.54
N PRO B 139 6.07 -2.53 -25.90
CA PRO B 139 5.99 -1.15 -26.38
C PRO B 139 7.27 -0.35 -26.17
N THR B 140 7.21 0.95 -26.43
CA THR B 140 8.37 1.83 -26.29
C THR B 140 8.86 1.90 -24.85
N TYR B 141 10.08 2.42 -24.68
CA TYR B 141 10.68 2.61 -23.37
C TYR B 141 9.72 3.31 -22.40
N LYS B 142 9.18 4.45 -22.83
CA LYS B 142 8.32 5.27 -21.98
C LYS B 142 7.03 4.53 -21.59
N GLN B 143 6.45 3.81 -22.54
CA GLN B 143 5.23 3.04 -22.31
C GLN B 143 5.46 1.80 -21.44
N ASP B 144 6.69 1.28 -21.46
CA ASP B 144 7.01 0.07 -20.69
C ASP B 144 7.34 0.36 -19.22
N LYS B 145 7.29 1.61 -18.79
CA LYS B 145 7.66 1.97 -17.40
C LYS B 145 6.62 1.53 -16.36
N HIS B 146 7.10 0.86 -15.32
CA HIS B 146 6.31 0.47 -14.16
C HIS B 146 6.73 1.33 -12.97
N TYR B 147 5.76 1.96 -12.31
CA TYR B 147 6.06 2.89 -11.22
C TYR B 147 5.67 2.39 -9.84
N GLY B 148 6.38 2.91 -8.84
CA GLY B 148 6.05 2.66 -7.44
C GLY B 148 5.19 3.77 -6.87
N TYR B 149 4.28 3.40 -5.97
CA TYR B 149 3.51 4.37 -5.21
C TYR B 149 4.40 5.00 -4.13
N ASN B 150 5.18 4.15 -3.48
CA ASN B 150 6.06 4.62 -2.40
C ASN B 150 7.26 3.70 -2.20
N SER B 151 8.16 4.14 -1.34
CA SER B 151 9.31 3.36 -0.93
C SER B 151 9.52 3.67 0.54
N TYR B 152 9.88 2.65 1.31
CA TYR B 152 9.99 2.83 2.75
C TYR B 152 10.94 1.82 3.36
N SER B 153 11.40 2.15 4.57
CA SER B 153 12.15 1.21 5.40
C SER B 153 11.19 0.39 6.27
N VAL B 154 11.53 -0.89 6.48
CA VAL B 154 10.84 -1.70 7.46
C VAL B 154 11.70 -1.67 8.72
N SER B 155 11.11 -1.66 9.92
CA SER B 155 11.91 -1.52 11.15
C SER B 155 12.78 -2.76 11.42
N ASN B 156 13.77 -2.60 12.32
CA ASN B 156 14.65 -3.70 12.74
C ASN B 156 13.95 -4.58 13.76
N SER B 157 12.89 -5.24 13.28
CA SER B 157 12.02 -6.06 14.10
C SER B 157 11.62 -7.27 13.30
N GLU B 158 12.04 -8.43 13.78
CA GLU B 158 11.64 -9.71 13.21
C GLU B 158 10.16 -9.79 12.86
N LYS B 159 9.31 -9.43 13.81
CA LYS B 159 7.86 -9.52 13.64
C LYS B 159 7.36 -8.55 12.58
N ASP B 160 7.95 -7.36 12.53
CA ASP B 160 7.54 -6.38 11.53
C ASP B 160 7.97 -6.79 10.12
N ILE B 161 9.15 -7.39 9.99
CA ILE B 161 9.62 -7.87 8.69
C ILE B 161 8.78 -9.07 8.22
N MET B 162 8.48 -9.98 9.13
CA MET B 162 7.60 -11.10 8.81
C MET B 162 6.23 -10.58 8.34
N ALA B 163 5.68 -9.61 9.08
CA ALA B 163 4.36 -9.07 8.73
C ALA B 163 4.37 -8.39 7.36
N GLU B 164 5.44 -7.66 7.07
CA GLU B 164 5.57 -7.01 5.77
C GLU B 164 5.54 -8.01 4.60
N ILE B 165 6.33 -9.07 4.73
CA ILE B 165 6.42 -10.11 3.70
C ILE B 165 5.08 -10.82 3.56
N TYR B 166 4.49 -11.15 4.70
CA TYR B 166 3.20 -11.87 4.79
C TYR B 166 2.06 -11.14 4.08
N LYS B 167 2.06 -9.81 4.18
CA LYS B 167 0.96 -9.00 3.63
C LYS B 167 1.27 -8.44 2.25
N ASN B 168 2.49 -7.92 2.06
CA ASN B 168 2.81 -7.13 0.85
C ASN B 168 3.84 -7.78 -0.06
N GLY B 169 4.39 -8.92 0.34
CA GLY B 169 5.31 -9.69 -0.51
C GLY B 169 6.78 -9.47 -0.21
N PRO B 170 7.66 -10.12 -1.01
CA PRO B 170 9.12 -10.12 -0.76
C PRO B 170 9.70 -8.71 -0.63
N VAL B 171 10.79 -8.61 0.13
CA VAL B 171 11.43 -7.33 0.42
C VAL B 171 12.89 -7.39 -0.02
N GLU B 172 13.55 -6.24 -0.08
CA GLU B 172 15.01 -6.23 -0.20
C GLU B 172 15.62 -6.06 1.18
N GLY B 173 16.77 -6.71 1.38
CA GLY B 173 17.55 -6.56 2.61
C GLY B 173 19.03 -6.50 2.32
N ALA B 174 19.81 -6.32 3.37
CA ALA B 174 21.26 -6.31 3.22
C ALA B 174 21.92 -6.89 4.46
N PHE B 175 23.07 -7.51 4.26
CA PHE B 175 23.83 -8.08 5.37
C PHE B 175 25.33 -8.08 5.09
N SER B 176 26.09 -8.26 6.16
CA SER B 176 27.55 -8.34 6.07
C SER B 176 27.96 -9.72 5.64
N VAL B 177 28.74 -9.80 4.57
CA VAL B 177 29.26 -11.06 4.05
C VAL B 177 30.62 -11.36 4.69
N TYR B 178 30.71 -12.48 5.40
CA TYR B 178 32.00 -12.97 5.91
C TYR B 178 32.47 -14.10 5.01
N SER B 179 33.77 -14.41 5.04
CA SER B 179 34.34 -15.34 4.05
C SER B 179 33.68 -16.73 4.04
N ASP B 180 33.21 -17.19 5.20
CA ASP B 180 32.52 -18.50 5.28
C ASP B 180 31.18 -18.56 4.55
N PHE B 181 30.53 -17.42 4.39
CA PHE B 181 29.28 -17.35 3.65
C PHE B 181 29.46 -17.74 2.17
N LEU B 182 30.63 -17.42 1.61
CA LEU B 182 30.89 -17.70 0.20
C LEU B 182 30.74 -19.18 -0.15
N LEU B 183 31.08 -20.06 0.79
CA LEU B 183 31.02 -21.51 0.56
C LEU B 183 29.69 -22.17 0.95
N TYR B 184 28.69 -21.37 1.33
CA TYR B 184 27.35 -21.89 1.69
C TYR B 184 26.78 -22.84 0.67
N LYS B 185 26.21 -23.94 1.15
CA LYS B 185 25.56 -24.93 0.31
C LYS B 185 24.16 -25.29 0.80
N SER B 186 24.01 -25.47 2.11
CA SER B 186 22.79 -26.01 2.68
C SER B 186 22.64 -25.58 4.13
N GLY B 187 21.45 -25.81 4.68
CA GLY B 187 21.15 -25.51 6.07
C GLY B 187 20.97 -24.02 6.35
N VAL B 188 21.03 -23.67 7.63
CA VAL B 188 20.88 -22.29 8.07
C VAL B 188 22.26 -21.69 8.31
N TYR B 189 22.59 -20.65 7.55
CA TYR B 189 23.87 -19.98 7.69
C TYR B 189 23.95 -19.24 9.01
N GLN B 190 25.05 -19.45 9.72
CA GLN B 190 25.48 -18.57 10.80
C GLN B 190 26.98 -18.37 10.63
N HIS B 191 27.43 -17.12 10.74
CA HIS B 191 28.85 -16.78 10.73
C HIS B 191 29.62 -17.44 11.86
N VAL B 192 30.55 -18.32 11.48
CA VAL B 192 31.39 -19.05 12.43
C VAL B 192 32.89 -18.86 12.16
N THR B 193 33.27 -18.55 10.93
CA THR B 193 34.67 -18.27 10.59
C THR B 193 34.79 -17.17 9.53
N GLY B 194 35.98 -16.60 9.43
CA GLY B 194 36.31 -15.68 8.34
C GLY B 194 36.16 -14.22 8.65
N GLU B 195 36.79 -13.40 7.81
CA GLU B 195 36.82 -11.95 7.98
C GLU B 195 35.77 -11.26 7.11
N MET B 196 35.46 -10.02 7.48
CA MET B 196 34.47 -9.19 6.78
C MET B 196 34.92 -8.88 5.35
N MET B 197 34.06 -9.19 4.38
CA MET B 197 34.35 -8.95 2.96
C MET B 197 33.59 -7.77 2.36
N GLY B 198 32.46 -7.42 2.96
CA GLY B 198 31.67 -6.28 2.49
C GLY B 198 30.18 -6.53 2.62
N GLY B 199 29.40 -5.48 2.39
CA GLY B 199 27.94 -5.56 2.42
C GLY B 199 27.36 -6.14 1.15
N HIS B 200 26.22 -6.81 1.28
CA HIS B 200 25.57 -7.48 0.15
C HIS B 200 24.05 -7.35 0.28
N ALA B 201 23.39 -6.96 -0.81
CA ALA B 201 21.93 -6.80 -0.83
C ALA B 201 21.28 -8.02 -1.47
N ILE B 202 20.11 -8.40 -0.95
CA ILE B 202 19.45 -9.64 -1.36
C ILE B 202 17.92 -9.46 -1.29
N ARG B 203 17.18 -10.50 -1.68
CA ARG B 203 15.72 -10.52 -1.61
C ARG B 203 15.28 -11.53 -0.55
N ILE B 204 14.50 -11.08 0.43
CA ILE B 204 13.96 -11.95 1.47
C ILE B 204 12.51 -12.24 1.10
N LEU B 205 12.20 -13.54 0.95
CA LEU B 205 10.88 -13.98 0.46
C LEU B 205 10.19 -14.97 1.39
N GLY B 206 10.67 -15.14 2.61
CA GLY B 206 10.01 -16.04 3.52
C GLY B 206 10.78 -16.27 4.79
N TRP B 207 10.26 -17.21 5.59
CA TRP B 207 10.92 -17.62 6.83
C TRP B 207 10.50 -19.05 7.18
N GLY B 208 11.15 -19.61 8.20
CA GLY B 208 10.86 -20.97 8.60
C GLY B 208 11.74 -21.38 9.76
N VAL B 209 11.71 -22.68 10.06
CA VAL B 209 12.52 -23.25 11.13
C VAL B 209 13.11 -24.55 10.61
N GLU B 210 14.38 -24.79 10.91
CA GLU B 210 15.05 -26.01 10.47
C GLU B 210 15.87 -26.57 11.62
N ASN B 211 15.49 -27.76 12.06
CA ASN B 211 16.11 -28.40 13.23
C ASN B 211 16.21 -27.43 14.42
N GLY B 212 15.14 -26.68 14.65
CA GLY B 212 15.03 -25.79 15.81
C GLY B 212 15.58 -24.39 15.62
N THR B 213 16.26 -24.15 14.50
CA THR B 213 16.86 -22.85 14.21
C THR B 213 15.94 -22.06 13.29
N PRO B 214 15.47 -20.90 13.76
CA PRO B 214 14.65 -20.05 12.90
C PRO B 214 15.49 -19.37 11.84
N TYR B 215 14.91 -19.15 10.66
CA TYR B 215 15.67 -18.59 9.54
C TYR B 215 14.82 -17.72 8.62
N TRP B 216 15.52 -16.89 7.82
CA TRP B 216 14.94 -16.18 6.69
C TRP B 216 15.26 -16.96 5.42
N LEU B 217 14.28 -17.10 4.54
CA LEU B 217 14.48 -17.66 3.22
C LEU B 217 14.89 -16.54 2.29
N VAL B 218 16.10 -16.64 1.73
CA VAL B 218 16.67 -15.55 0.94
C VAL B 218 17.10 -16.02 -0.46
N ALA B 219 16.92 -15.14 -1.44
CA ALA B 219 17.42 -15.35 -2.81
C ALA B 219 18.69 -14.51 -3.04
N ASN B 220 19.77 -15.17 -3.45
CA ASN B 220 20.98 -14.47 -3.87
C ASN B 220 20.91 -14.18 -5.37
N SER B 221 21.84 -13.36 -5.87
CA SER B 221 21.90 -13.01 -7.29
C SER B 221 23.21 -13.51 -7.92
N TRP B 222 23.61 -14.72 -7.52
CA TRP B 222 24.85 -15.35 -7.99
C TRP B 222 24.59 -16.61 -8.80
N ASN B 223 23.46 -16.67 -9.49
CA ASN B 223 23.06 -17.80 -10.33
C ASN B 223 22.63 -19.02 -9.49
N THR B 224 22.13 -20.06 -10.14
CA THR B 224 21.54 -21.19 -9.44
C THR B 224 22.53 -22.30 -9.06
N ASP B 225 23.75 -22.25 -9.57
CA ASP B 225 24.76 -23.25 -9.20
C ASP B 225 25.52 -22.88 -7.93
N TRP B 226 25.26 -21.69 -7.39
CA TRP B 226 25.71 -21.30 -6.05
C TRP B 226 24.65 -21.64 -5.00
N GLY B 227 25.12 -22.01 -3.81
CA GLY B 227 24.24 -22.21 -2.67
C GLY B 227 23.25 -23.35 -2.84
N ASP B 228 22.01 -23.08 -2.41
CA ASP B 228 20.92 -24.04 -2.51
C ASP B 228 20.03 -23.59 -3.68
N ASN B 229 20.38 -24.03 -4.88
CA ASN B 229 19.71 -23.59 -6.12
C ASN B 229 19.74 -22.07 -6.31
N GLY B 230 20.75 -21.40 -5.75
CA GLY B 230 20.79 -19.94 -5.78
C GLY B 230 20.18 -19.26 -4.56
N PHE B 231 19.46 -20.02 -3.74
CA PHE B 231 18.88 -19.52 -2.49
C PHE B 231 19.77 -19.86 -1.30
N PHE B 232 19.52 -19.17 -0.18
CA PHE B 232 20.10 -19.55 1.10
C PHE B 232 19.14 -19.26 2.27
N LYS B 233 19.42 -19.88 3.40
CA LYS B 233 18.76 -19.61 4.65
C LYS B 233 19.78 -18.99 5.61
N ILE B 234 19.33 -18.02 6.41
CA ILE B 234 20.19 -17.32 7.35
C ILE B 234 19.45 -17.15 8.67
N LEU B 235 20.17 -17.25 9.78
CA LEU B 235 19.57 -17.15 11.11
C LEU B 235 18.65 -15.93 11.23
N ARG B 236 17.47 -16.16 11.80
CA ARG B 236 16.46 -15.13 12.03
C ARG B 236 16.26 -14.86 13.54
N GLY B 237 16.07 -13.59 13.89
CA GLY B 237 15.69 -13.18 15.23
C GLY B 237 16.75 -12.48 16.05
N GLN B 238 17.98 -12.42 15.53
CA GLN B 238 19.10 -11.82 16.27
C GLN B 238 19.90 -10.82 15.43
N ASP B 239 19.23 -10.19 14.47
CA ASP B 239 19.89 -9.28 13.52
C ASP B 239 21.26 -9.82 13.08
N HIS B 240 21.28 -11.10 12.69
CA HIS B 240 22.51 -11.78 12.38
C HIS B 240 23.16 -11.21 11.12
N CYS B 241 24.42 -10.79 11.25
CA CYS B 241 25.13 -10.08 10.19
C CYS B 241 24.36 -8.87 9.65
N GLY B 242 23.48 -8.30 10.46
CA GLY B 242 22.68 -7.14 10.03
C GLY B 242 21.50 -7.42 9.11
N ILE B 243 21.12 -8.69 8.99
CA ILE B 243 20.06 -9.10 8.05
C ILE B 243 18.70 -8.44 8.33
N GLU B 244 18.47 -7.99 9.57
CA GLU B 244 17.19 -7.33 9.93
C GLU B 244 17.28 -5.81 9.97
N SER B 245 18.43 -5.24 9.63
CA SER B 245 18.73 -3.84 9.91
C SER B 245 18.51 -2.89 8.72
N GLU B 246 18.46 -3.43 7.50
CA GLU B 246 18.41 -2.60 6.28
C GLU B 246 17.36 -3.11 5.29
N VAL B 247 16.18 -3.45 5.80
CA VAL B 247 15.12 -4.00 4.96
C VAL B 247 14.31 -2.86 4.37
N VAL B 248 14.04 -2.93 3.07
CA VAL B 248 13.36 -1.85 2.34
C VAL B 248 12.35 -2.44 1.38
N ALA B 249 11.27 -1.72 1.11
CA ALA B 249 10.26 -2.16 0.17
C ALA B 249 9.45 -0.97 -0.32
N GLY B 250 8.30 -1.25 -0.91
CA GLY B 250 7.48 -0.21 -1.54
C GLY B 250 6.29 -0.87 -2.23
N ILE B 251 5.23 -0.11 -2.47
CA ILE B 251 4.01 -0.67 -3.06
C ILE B 251 3.85 -0.18 -4.50
N PRO B 252 3.52 -1.10 -5.46
CA PRO B 252 3.38 -0.60 -6.83
C PRO B 252 2.17 0.27 -7.12
N ARG B 253 2.32 1.12 -8.12
CA ARG B 253 1.18 1.69 -8.81
C ARG B 253 0.59 0.62 -9.72
N THR B 254 -0.70 0.74 -9.96
CA THR B 254 -1.39 -0.06 -10.97
C THR B 254 -1.05 0.53 -12.33
N ASP B 255 -0.50 -0.31 -13.21
CA ASP B 255 -0.20 0.07 -14.59
C ASP B 255 -1.45 0.47 -15.37
#